data_7WVK
#
_entry.id   7WVK
#
_cell.length_a   78.330
_cell.length_b   98.380
_cell.length_c   79.806
_cell.angle_alpha   90.000
_cell.angle_beta   90.000
_cell.angle_gamma   90.000
#
_symmetry.space_group_name_H-M   'C 2 2 21'
#
loop_
_entity.id
_entity.type
_entity.pdbx_description
1 polymer 'WD repeat-containing protein 5'
2 non-polymer 1-[2,5-bis(chloranyl)phenyl]sulfonylbenzimidazole
3 non-polymer GLYCEROL
4 non-polymer 1,2-ETHANEDIOL
5 water water
#
_entity_poly.entity_id   1
_entity_poly.type   'polypeptide(L)'
_entity_poly.pdbx_seq_one_letter_code
;SATQSKPTPVKPNYALKFTLAGHTKAVSSVKFSPNGEWLASSSADKLIKIWGAYDGKFEKTISGHKLGISDVAWSSDSNL
LVSASDDKTLKIWDVSSGKCLKTLKGHSNYVFCCNFNPQSNLIVSGSFDESVRIWDVKTGKCLKTLPAHSDPVSAVHFNR
DGSLIVSSSYDGLCRIWDTASGQCLKTLIDDDNPPVSFVKFSPNGKYILAATLDNTLKLWDYSKGKCLKTYTGHKNEKYC
IFANFSVTGGKWIVSGSEDNLVYIWNLQTKEIVQKLQGHTDVVISTACHPTENIIASAALENDKTIKLWKSDC
;
_entity_poly.pdbx_strand_id   A
#
# COMPACT_ATOMS: atom_id res chain seq x y z
N VAL A 10 6.10 25.41 4.91
CA VAL A 10 5.23 25.67 3.76
C VAL A 10 5.43 24.71 2.57
N LYS A 11 6.69 24.44 2.18
CA LYS A 11 6.96 23.40 1.20
C LYS A 11 8.12 22.55 1.68
N PRO A 12 8.09 21.24 1.40
CA PRO A 12 9.20 20.38 1.80
C PRO A 12 10.37 20.55 0.83
N ASN A 13 11.50 19.95 1.20
CA ASN A 13 12.71 20.00 0.38
C ASN A 13 13.34 18.61 0.27
N TYR A 14 12.53 17.63 -0.11
CA TYR A 14 13.05 16.28 -0.30
C TYR A 14 14.17 16.27 -1.32
N ALA A 15 15.26 15.59 -0.97
CA ALA A 15 16.42 15.45 -1.82
C ALA A 15 16.84 13.99 -1.81
N LEU A 16 17.33 13.51 -2.96
CA LEU A 16 17.72 12.12 -3.07
C LEU A 16 18.92 11.82 -2.19
N LYS A 17 18.82 10.77 -1.39
CA LYS A 17 19.91 10.35 -0.52
C LYS A 17 20.51 8.99 -0.87
N PHE A 18 19.67 8.01 -1.23
CA PHE A 18 20.15 6.68 -1.56
C PHE A 18 19.30 6.07 -2.67
N THR A 19 19.94 5.28 -3.52
CA THR A 19 19.26 4.43 -4.48
C THR A 19 19.58 2.98 -4.16
N LEU A 20 18.55 2.13 -4.12
CA LEU A 20 18.62 0.77 -3.61
C LEU A 20 18.38 -0.18 -4.79
N ALA A 21 19.43 -0.88 -5.21
CA ALA A 21 19.36 -1.79 -6.35
C ALA A 21 19.47 -3.22 -5.85
N GLY A 22 18.73 -4.13 -6.49
CA GLY A 22 18.83 -5.53 -6.13
C GLY A 22 17.71 -6.39 -6.68
N HIS A 23 16.50 -5.85 -6.73
CA HIS A 23 15.41 -6.58 -7.38
C HIS A 23 15.70 -6.75 -8.87
N THR A 24 15.31 -7.90 -9.41
CA THR A 24 15.58 -8.22 -10.81
C THR A 24 14.37 -8.06 -11.72
N LYS A 25 13.23 -7.67 -11.16
CA LYS A 25 12.05 -7.32 -11.94
C LYS A 25 11.42 -6.09 -11.30
N ALA A 26 10.29 -5.66 -11.84
CA ALA A 26 9.59 -4.51 -11.30
C ALA A 26 9.41 -4.62 -9.78
N VAL A 27 9.63 -3.51 -9.08
CA VAL A 27 9.24 -3.45 -7.68
C VAL A 27 7.74 -3.24 -7.65
N SER A 28 7.06 -3.83 -6.66
CA SER A 28 5.62 -3.70 -6.57
C SER A 28 5.15 -2.92 -5.35
N SER A 29 5.88 -2.95 -4.24
CA SER A 29 5.47 -2.19 -3.06
CA SER A 29 5.45 -2.21 -3.07
C SER A 29 6.68 -1.99 -2.17
N VAL A 30 6.66 -0.88 -1.44
CA VAL A 30 7.65 -0.58 -0.40
C VAL A 30 6.91 -0.11 0.84
N LYS A 31 7.39 -0.53 2.02
CA LYS A 31 6.75 -0.16 3.28
C LYS A 31 7.81 -0.01 4.36
N PHE A 32 7.73 1.06 5.15
CA PHE A 32 8.62 1.19 6.29
C PHE A 32 8.05 0.42 7.48
N SER A 33 8.94 -0.20 8.26
CA SER A 33 8.49 -0.84 9.49
C SER A 33 7.95 0.21 10.46
N PRO A 34 6.94 -0.15 11.27
CA PRO A 34 6.41 0.83 12.23
C PRO A 34 7.44 1.36 13.20
N ASN A 35 8.48 0.58 13.54
CA ASN A 35 9.53 1.03 14.44
C ASN A 35 10.59 1.90 13.75
N GLY A 36 10.44 2.15 12.45
CA GLY A 36 11.33 3.05 11.73
C GLY A 36 12.65 2.45 11.29
N GLU A 37 12.94 1.21 11.65
CA GLU A 37 14.29 0.68 11.42
C GLU A 37 14.49 0.20 10.00
N TRP A 38 13.44 -0.26 9.33
CA TRP A 38 13.59 -1.05 8.12
C TRP A 38 12.64 -0.60 7.04
N LEU A 39 13.03 -0.87 5.80
CA LEU A 39 12.16 -0.80 4.65
C LEU A 39 12.03 -2.21 4.08
N ALA A 40 10.81 -2.64 3.81
CA ALA A 40 10.57 -3.88 3.09
C ALA A 40 10.10 -3.56 1.69
N SER A 41 10.55 -4.34 0.72
CA SER A 41 10.10 -4.21 -0.65
C SER A 41 9.68 -5.56 -1.19
N SER A 42 8.70 -5.55 -2.08
CA SER A 42 8.28 -6.73 -2.81
C SER A 42 8.44 -6.50 -4.29
N SER A 43 8.48 -7.59 -5.05
CA SER A 43 8.76 -7.48 -6.47
C SER A 43 8.14 -8.62 -7.25
N ALA A 44 7.94 -8.36 -8.55
CA ALA A 44 7.62 -9.41 -9.50
C ALA A 44 8.70 -10.48 -9.60
N ASP A 45 9.90 -10.27 -9.02
CA ASP A 45 10.93 -11.32 -9.03
C ASP A 45 10.70 -12.38 -7.96
N LYS A 46 9.57 -12.34 -7.26
CA LYS A 46 9.12 -13.35 -6.28
C LYS A 46 9.77 -13.15 -4.92
N LEU A 47 10.49 -12.04 -4.70
CA LEU A 47 11.25 -11.85 -3.48
C LEU A 47 10.77 -10.66 -2.68
N ILE A 48 10.99 -10.76 -1.37
CA ILE A 48 10.92 -9.64 -0.45
C ILE A 48 12.35 -9.28 -0.10
N LYS A 49 12.67 -7.99 -0.08
CA LYS A 49 13.96 -7.54 0.40
C LYS A 49 13.81 -6.58 1.55
N ILE A 50 14.75 -6.65 2.49
CA ILE A 50 14.79 -5.79 3.67
C ILE A 50 16.02 -4.90 3.56
N TRP A 51 15.82 -3.61 3.84
CA TRP A 51 16.85 -2.59 3.72
C TRP A 51 16.82 -1.71 4.96
N GLY A 52 17.98 -1.16 5.33
CA GLY A 52 18.02 -0.19 6.41
C GLY A 52 17.30 1.10 6.03
N ALA A 53 16.42 1.57 6.92
CA ALA A 53 15.55 2.70 6.57
C ALA A 53 16.32 4.01 6.49
N TYR A 54 17.42 4.14 7.23
CA TYR A 54 18.13 5.40 7.31
C TYR A 54 19.33 5.48 6.36
N ASP A 55 20.00 4.37 6.12
CA ASP A 55 21.17 4.32 5.25
C ASP A 55 20.94 3.57 3.95
N GLY A 56 19.79 2.92 3.78
CA GLY A 56 19.53 2.14 2.58
C GLY A 56 20.34 0.87 2.46
N LYS A 57 21.04 0.45 3.51
CA LYS A 57 21.92 -0.71 3.41
C LYS A 57 21.09 -1.98 3.26
N PHE A 58 21.37 -2.77 2.22
CA PHE A 58 20.67 -4.04 2.04
C PHE A 58 20.89 -4.95 3.25
N GLU A 59 19.79 -5.52 3.75
CA GLU A 59 19.83 -6.41 4.90
C GLU A 59 19.72 -7.87 4.50
N LYS A 60 18.60 -8.29 3.92
CA LYS A 60 18.49 -9.67 3.46
C LYS A 60 17.30 -9.84 2.53
N THR A 61 17.27 -11.00 1.87
CA THR A 61 16.20 -11.40 0.97
C THR A 61 15.37 -12.48 1.65
N ILE A 62 14.06 -12.40 1.51
CA ILE A 62 13.12 -13.37 2.06
C ILE A 62 12.41 -14.01 0.88
N SER A 63 12.55 -15.32 0.73
CA SER A 63 12.08 -16.01 -0.46
C SER A 63 11.14 -17.15 -0.09
N GLY A 64 10.32 -17.56 -1.07
CA GLY A 64 9.45 -18.71 -0.90
C GLY A 64 8.24 -18.70 -1.81
N HIS A 65 7.78 -17.52 -2.21
CA HIS A 65 6.67 -17.47 -3.15
C HIS A 65 7.08 -18.07 -4.49
N LYS A 66 6.11 -18.68 -5.17
CA LYS A 66 6.36 -19.35 -6.45
C LYS A 66 6.18 -18.43 -7.65
N LEU A 67 5.52 -17.29 -7.47
CA LEU A 67 5.30 -16.32 -8.53
C LEU A 67 5.46 -14.93 -7.94
N GLY A 68 5.29 -13.91 -8.78
CA GLY A 68 5.52 -12.53 -8.34
C GLY A 68 4.66 -12.14 -7.16
N ILE A 69 5.18 -11.15 -6.40
CA ILE A 69 4.52 -10.59 -5.23
C ILE A 69 4.01 -9.20 -5.56
N SER A 70 2.75 -8.91 -5.20
CA SER A 70 2.16 -7.62 -5.48
C SER A 70 2.16 -6.66 -4.29
N ASP A 71 2.30 -7.17 -3.07
CA ASP A 71 2.18 -6.38 -1.86
C ASP A 71 2.84 -7.08 -0.70
N VAL A 72 3.35 -6.27 0.23
CA VAL A 72 3.91 -6.73 1.49
C VAL A 72 3.50 -5.72 2.55
N ALA A 73 3.34 -6.18 3.79
CA ALA A 73 2.90 -5.30 4.87
C ALA A 73 3.46 -5.79 6.19
N TRP A 74 3.75 -4.85 7.08
CA TRP A 74 4.32 -5.15 8.40
C TRP A 74 3.24 -5.30 9.47
N SER A 75 3.53 -6.14 10.46
CA SER A 75 2.74 -6.12 11.68
C SER A 75 3.10 -4.90 12.51
N SER A 76 2.21 -4.52 13.44
CA SER A 76 2.41 -3.25 14.13
C SER A 76 3.64 -3.27 15.02
N ASP A 77 4.10 -4.43 15.49
CA ASP A 77 5.30 -4.55 16.31
C ASP A 77 6.58 -4.75 15.48
N SER A 78 6.48 -4.65 14.15
CA SER A 78 7.61 -4.78 13.23
C SER A 78 8.21 -6.18 13.21
N ASN A 79 7.57 -7.17 13.81
CA ASN A 79 8.16 -8.50 13.89
C ASN A 79 7.78 -9.40 12.72
N LEU A 80 6.66 -9.13 12.07
CA LEU A 80 6.15 -9.99 11.01
C LEU A 80 5.93 -9.19 9.75
N LEU A 81 5.97 -9.90 8.62
CA LEU A 81 5.51 -9.38 7.35
C LEU A 81 4.47 -10.32 6.81
N VAL A 82 3.55 -9.79 6.01
CA VAL A 82 2.64 -10.60 5.20
C VAL A 82 2.80 -10.17 3.75
N SER A 83 2.83 -11.13 2.84
CA SER A 83 2.97 -10.86 1.42
C SER A 83 1.82 -11.50 0.64
N ALA A 84 1.46 -10.89 -0.49
CA ALA A 84 0.37 -11.34 -1.36
C ALA A 84 0.94 -11.62 -2.75
N SER A 85 0.67 -12.82 -3.29
CA SER A 85 1.34 -13.28 -4.50
C SER A 85 0.40 -13.80 -5.58
N ASP A 86 0.90 -13.76 -6.82
CA ASP A 86 0.24 -14.39 -7.95
C ASP A 86 0.14 -15.91 -7.80
N ASP A 87 0.91 -16.50 -6.87
CA ASP A 87 0.77 -17.92 -6.59
C ASP A 87 -0.50 -18.23 -5.82
N LYS A 88 -1.33 -17.23 -5.54
CA LYS A 88 -2.65 -17.35 -4.94
C LYS A 88 -2.58 -17.54 -3.42
N THR A 89 -1.40 -17.36 -2.84
CA THR A 89 -1.22 -17.44 -1.41
C THR A 89 -0.82 -16.10 -0.82
N LEU A 90 -1.02 -16.00 0.48
CA LEU A 90 -0.28 -15.05 1.28
C LEU A 90 0.68 -15.84 2.16
N LYS A 91 1.78 -15.21 2.54
CA LYS A 91 2.71 -15.83 3.47
C LYS A 91 2.96 -14.87 4.63
N ILE A 92 3.01 -15.42 5.84
CA ILE A 92 3.38 -14.68 7.04
C ILE A 92 4.82 -15.05 7.37
N TRP A 93 5.66 -14.04 7.54
CA TRP A 93 7.09 -14.23 7.72
C TRP A 93 7.51 -13.66 9.06
N ASP A 94 8.36 -14.41 9.78
CA ASP A 94 9.10 -13.85 10.90
C ASP A 94 10.30 -13.09 10.33
N VAL A 95 10.33 -11.77 10.47
CA VAL A 95 11.36 -10.98 9.79
C VAL A 95 12.75 -11.31 10.35
N SER A 96 12.88 -11.44 11.67
CA SER A 96 14.21 -11.64 12.26
C SER A 96 14.86 -12.92 11.79
N SER A 97 14.08 -13.99 11.66
CA SER A 97 14.62 -15.30 11.30
C SER A 97 14.51 -15.60 9.81
N GLY A 98 13.68 -14.86 9.08
CA GLY A 98 13.37 -15.18 7.69
C GLY A 98 12.39 -16.32 7.49
N LYS A 99 11.91 -16.95 8.56
CA LYS A 99 11.06 -18.13 8.44
C LYS A 99 9.68 -17.77 7.91
N CYS A 100 9.15 -18.63 7.02
CA CYS A 100 7.73 -18.59 6.66
C CYS A 100 6.96 -19.30 7.75
N LEU A 101 6.17 -18.53 8.51
CA LEU A 101 5.42 -19.10 9.62
C LEU A 101 4.16 -19.80 9.13
N LYS A 102 3.49 -19.23 8.14
CA LYS A 102 2.22 -19.76 7.65
C LYS A 102 2.09 -19.37 6.19
N THR A 103 1.48 -20.25 5.41
CA THR A 103 1.02 -19.95 4.05
C THR A 103 -0.50 -20.00 4.05
N LEU A 104 -1.12 -18.90 3.63
CA LEU A 104 -2.56 -18.70 3.71
C LEU A 104 -3.14 -19.05 2.34
N LYS A 105 -3.85 -20.18 2.28
CA LYS A 105 -4.38 -20.68 1.02
C LYS A 105 -5.90 -20.67 1.09
N GLY A 106 -6.54 -20.11 0.06
CA GLY A 106 -7.99 -20.03 0.02
C GLY A 106 -8.50 -19.18 -1.11
N HIS A 107 -7.78 -18.12 -1.48
CA HIS A 107 -8.14 -17.38 -2.67
C HIS A 107 -8.06 -18.28 -3.91
N SER A 108 -8.98 -18.07 -4.85
CA SER A 108 -9.02 -18.85 -6.07
C SER A 108 -8.30 -18.18 -7.25
N ASN A 109 -7.74 -17.00 -7.03
CA ASN A 109 -7.01 -16.25 -8.06
C ASN A 109 -5.93 -15.43 -7.37
N TYR A 110 -5.16 -14.69 -8.18
CA TYR A 110 -4.01 -13.96 -7.66
C TYR A 110 -4.39 -13.13 -6.44
N VAL A 111 -3.50 -13.08 -5.44
CA VAL A 111 -3.76 -12.22 -4.29
C VAL A 111 -2.99 -10.94 -4.54
N PHE A 112 -3.66 -9.79 -4.43
CA PHE A 112 -3.11 -8.52 -4.89
C PHE A 112 -2.74 -7.56 -3.77
N CYS A 113 -3.35 -7.69 -2.60
CA CYS A 113 -3.17 -6.70 -1.55
C CYS A 113 -3.39 -7.35 -0.19
N CYS A 114 -2.77 -6.78 0.84
CA CYS A 114 -2.83 -7.38 2.17
C CYS A 114 -2.47 -6.35 3.24
N ASN A 115 -2.94 -6.61 4.45
CA ASN A 115 -2.57 -5.79 5.60
C ASN A 115 -2.92 -6.57 6.87
N PHE A 116 -2.16 -6.30 7.94
CA PHE A 116 -2.55 -6.74 9.28
C PHE A 116 -3.55 -5.74 9.86
N ASN A 117 -4.32 -6.19 10.85
CA ASN A 117 -5.08 -5.24 11.64
C ASN A 117 -4.16 -4.62 12.69
N PRO A 118 -4.61 -3.58 13.37
CA PRO A 118 -3.76 -2.94 14.40
C PRO A 118 -3.26 -3.90 15.46
N GLN A 119 -4.05 -4.90 15.87
CA GLN A 119 -3.64 -5.88 16.85
C GLN A 119 -2.77 -6.97 16.25
N SER A 120 -2.61 -6.95 14.95
CA SER A 120 -1.78 -7.92 14.24
C SER A 120 -2.15 -9.36 14.59
N ASN A 121 -3.40 -9.58 14.99
CA ASN A 121 -3.95 -10.93 15.12
C ASN A 121 -4.77 -11.36 13.90
N LEU A 122 -5.06 -10.44 12.99
CA LEU A 122 -5.80 -10.75 11.77
C LEU A 122 -5.03 -10.18 10.58
N ILE A 123 -5.23 -10.83 9.44
CA ILE A 123 -4.81 -10.30 8.15
C ILE A 123 -6.02 -10.15 7.25
N VAL A 124 -6.06 -9.07 6.49
CA VAL A 124 -7.05 -8.88 5.42
C VAL A 124 -6.34 -8.97 4.08
N SER A 125 -6.99 -9.59 3.11
CA SER A 125 -6.43 -9.75 1.77
C SER A 125 -7.50 -9.45 0.72
N GLY A 126 -7.04 -9.04 -0.46
CA GLY A 126 -7.93 -8.87 -1.60
C GLY A 126 -7.32 -9.51 -2.83
N SER A 127 -8.19 -9.94 -3.75
CA SER A 127 -7.75 -10.83 -4.80
C SER A 127 -8.43 -10.53 -6.13
N PHE A 128 -7.80 -11.01 -7.20
CA PHE A 128 -8.45 -11.06 -8.51
C PHE A 128 -9.70 -11.93 -8.50
N ASP A 129 -9.87 -12.79 -7.47
CA ASP A 129 -11.10 -13.56 -7.35
C ASP A 129 -12.28 -12.73 -6.86
N GLU A 130 -12.10 -11.43 -6.65
CA GLU A 130 -13.15 -10.46 -6.38
C GLU A 130 -13.58 -10.50 -4.92
N SER A 131 -12.89 -11.27 -4.08
CA SER A 131 -13.19 -11.39 -2.67
C SER A 131 -12.20 -10.64 -1.80
N VAL A 132 -12.66 -10.35 -0.58
CA VAL A 132 -11.86 -9.90 0.54
C VAL A 132 -11.90 -11.02 1.57
N ARG A 133 -10.74 -11.44 2.07
CA ARG A 133 -10.70 -12.49 3.06
C ARG A 133 -10.04 -12.01 4.35
N ILE A 134 -10.48 -12.60 5.46
CA ILE A 134 -9.96 -12.29 6.78
C ILE A 134 -9.38 -13.59 7.34
N TRP A 135 -8.13 -13.50 7.82
CA TRP A 135 -7.37 -14.67 8.22
C TRP A 135 -6.89 -14.51 9.66
N ASP A 136 -6.85 -15.64 10.37
CA ASP A 136 -6.25 -15.67 11.70
C ASP A 136 -4.73 -15.78 11.58
N VAL A 137 -4.00 -14.85 12.19
CA VAL A 137 -2.53 -14.86 12.09
C VAL A 137 -1.93 -16.09 12.75
N LYS A 138 -2.42 -16.49 13.92
CA LYS A 138 -1.76 -17.55 14.69
C LYS A 138 -1.90 -18.91 14.00
N THR A 139 -3.10 -19.22 13.49
CA THR A 139 -3.34 -20.52 12.86
C THR A 139 -3.18 -20.49 11.36
N GLY A 140 -3.19 -19.32 10.73
CA GLY A 140 -3.10 -19.22 9.29
C GLY A 140 -4.35 -19.62 8.53
N LYS A 141 -5.49 -19.75 9.21
CA LYS A 141 -6.71 -20.24 8.61
C LYS A 141 -7.60 -19.08 8.17
N CYS A 142 -8.35 -19.31 7.10
CA CYS A 142 -9.33 -18.32 6.61
C CYS A 142 -10.55 -18.33 7.51
N LEU A 143 -10.86 -17.16 8.09
CA LEU A 143 -12.02 -17.00 8.97
C LEU A 143 -13.27 -16.58 8.23
N LYS A 144 -13.17 -15.62 7.31
CA LYS A 144 -14.32 -15.11 6.59
C LYS A 144 -13.91 -14.82 5.15
N THR A 145 -14.81 -15.10 4.21
CA THR A 145 -14.66 -14.69 2.83
C THR A 145 -15.83 -13.77 2.49
N LEU A 146 -15.52 -12.51 2.13
CA LEU A 146 -16.56 -11.55 1.78
C LEU A 146 -16.69 -11.47 0.27
N PRO A 147 -17.89 -11.64 -0.28
CA PRO A 147 -18.11 -11.49 -1.75
C PRO A 147 -18.20 -10.00 -2.06
N ALA A 148 -17.03 -9.37 -2.06
CA ALA A 148 -16.92 -7.93 -1.84
C ALA A 148 -17.16 -7.10 -3.09
N HIS A 149 -16.71 -7.58 -4.25
CA HIS A 149 -16.62 -6.76 -5.45
C HIS A 149 -16.96 -7.61 -6.68
N SER A 150 -17.02 -6.94 -7.84
CA SER A 150 -17.33 -7.60 -9.10
C SER A 150 -16.16 -7.50 -10.08
N ASP A 151 -14.99 -7.18 -9.58
CA ASP A 151 -13.75 -7.11 -10.35
C ASP A 151 -12.61 -7.22 -9.35
N PRO A 152 -11.36 -7.31 -9.82
CA PRO A 152 -10.25 -7.51 -8.88
C PRO A 152 -10.21 -6.44 -7.79
N VAL A 153 -9.83 -6.89 -6.59
CA VAL A 153 -9.69 -6.03 -5.42
C VAL A 153 -8.28 -5.46 -5.37
N SER A 154 -8.19 -4.14 -5.43
CA SER A 154 -6.89 -3.47 -5.57
C SER A 154 -6.24 -3.09 -4.25
N ALA A 155 -7.02 -2.90 -3.19
CA ALA A 155 -6.46 -2.53 -1.89
C ALA A 155 -7.43 -2.94 -0.77
N VAL A 156 -6.85 -3.22 0.40
CA VAL A 156 -7.59 -3.51 1.62
C VAL A 156 -6.82 -2.92 2.80
N HIS A 157 -7.53 -2.38 3.78
CA HIS A 157 -6.89 -1.71 4.90
C HIS A 157 -7.85 -1.71 6.08
N PHE A 158 -7.33 -1.95 7.30
CA PHE A 158 -8.15 -1.83 8.50
C PHE A 158 -8.09 -0.39 9.02
N ASN A 159 -9.16 0.01 9.70
CA ASN A 159 -9.18 1.32 10.36
C ASN A 159 -8.42 1.27 11.68
N ARG A 160 -8.49 2.38 12.44
CA ARG A 160 -7.57 2.60 13.55
C ARG A 160 -7.72 1.54 14.64
N ASP A 161 -8.94 1.10 14.92
CA ASP A 161 -9.16 0.09 15.95
C ASP A 161 -9.42 -1.30 15.37
N GLY A 162 -9.37 -1.47 14.07
CA GLY A 162 -9.59 -2.77 13.47
C GLY A 162 -11.04 -3.17 13.30
N SER A 163 -11.98 -2.30 13.66
CA SER A 163 -13.39 -2.65 13.59
C SER A 163 -13.95 -2.59 12.17
N LEU A 164 -13.27 -1.89 11.26
CA LEU A 164 -13.70 -1.73 9.89
C LEU A 164 -12.59 -2.10 8.93
N ILE A 165 -12.98 -2.57 7.75
CA ILE A 165 -12.08 -2.77 6.62
C ILE A 165 -12.58 -1.90 5.48
N VAL A 166 -11.66 -1.23 4.79
CA VAL A 166 -11.97 -0.57 3.52
C VAL A 166 -11.34 -1.36 2.39
N SER A 167 -12.10 -1.56 1.32
CA SER A 167 -11.60 -2.23 0.14
C SER A 167 -11.87 -1.37 -1.08
N SER A 168 -11.06 -1.55 -2.10
CA SER A 168 -11.26 -0.85 -3.37
C SER A 168 -11.16 -1.85 -4.51
N SER A 169 -11.74 -1.51 -5.65
CA SER A 169 -11.79 -2.47 -6.74
C SER A 169 -11.84 -1.78 -8.08
N TYR A 170 -11.41 -2.52 -9.09
CA TYR A 170 -11.54 -2.11 -10.49
C TYR A 170 -13.01 -1.98 -10.91
N ASP A 171 -13.96 -2.48 -10.10
CA ASP A 171 -15.38 -2.27 -10.35
C ASP A 171 -15.81 -0.83 -10.11
N GLY A 172 -14.92 0.02 -9.60
CA GLY A 172 -15.21 1.43 -9.43
C GLY A 172 -15.66 1.79 -8.04
N LEU A 173 -15.69 0.83 -7.12
CA LEU A 173 -16.23 1.07 -5.80
C LEU A 173 -15.17 0.99 -4.72
N CYS A 174 -15.41 1.76 -3.67
CA CYS A 174 -14.79 1.57 -2.37
CA CYS A 174 -14.79 1.55 -2.39
C CYS A 174 -15.88 1.09 -1.43
N ARG A 175 -15.61 0.04 -0.67
CA ARG A 175 -16.60 -0.47 0.28
C ARG A 175 -16.01 -0.56 1.67
N ILE A 176 -16.85 -0.33 2.67
CA ILE A 176 -16.46 -0.41 4.07
C ILE A 176 -17.23 -1.58 4.68
N TRP A 177 -16.49 -2.46 5.37
CA TRP A 177 -17.02 -3.72 5.91
C TRP A 177 -16.87 -3.74 7.41
N ASP A 178 -17.85 -4.31 8.09
CA ASP A 178 -17.72 -4.61 9.51
C ASP A 178 -16.85 -5.85 9.70
N THR A 179 -15.72 -5.70 10.38
CA THR A 179 -14.80 -6.83 10.55
C THR A 179 -15.49 -8.01 11.21
N ALA A 180 -16.31 -7.75 12.22
CA ALA A 180 -16.85 -8.85 13.01
C ALA A 180 -17.95 -9.59 12.27
N SER A 181 -18.80 -8.87 11.55
CA SER A 181 -19.97 -9.50 10.93
C SER A 181 -19.79 -9.74 9.44
N GLY A 182 -18.87 -9.04 8.80
CA GLY A 182 -18.74 -9.11 7.36
C GLY A 182 -19.76 -8.31 6.59
N GLN A 183 -20.62 -7.55 7.25
CA GLN A 183 -21.65 -6.79 6.54
C GLN A 183 -21.02 -5.62 5.80
N CYS A 184 -21.55 -5.33 4.61
CA CYS A 184 -21.17 -4.14 3.86
C CYS A 184 -21.90 -2.95 4.49
N LEU A 185 -21.14 -2.02 5.06
CA LEU A 185 -21.71 -0.87 5.76
C LEU A 185 -21.80 0.37 4.87
N LYS A 186 -21.01 0.44 3.82
CA LYS A 186 -21.02 1.63 2.98
C LYS A 186 -20.37 1.31 1.65
N THR A 187 -20.90 1.94 0.59
CA THR A 187 -20.27 1.95 -0.72
C THR A 187 -20.06 3.41 -1.13
N LEU A 188 -18.84 3.75 -1.50
CA LEU A 188 -18.47 5.10 -1.88
C LEU A 188 -18.07 5.14 -3.34
N ILE A 189 -18.64 6.09 -4.06
CA ILE A 189 -18.34 6.34 -5.47
C ILE A 189 -18.78 7.77 -5.78
N ASP A 190 -17.99 8.44 -6.63
CA ASP A 190 -18.28 9.84 -6.96
C ASP A 190 -19.04 9.89 -8.28
N ASP A 191 -18.88 10.94 -9.06
CA ASP A 191 -19.82 11.10 -10.16
C ASP A 191 -19.43 10.35 -11.44
N ASP A 192 -18.24 9.75 -11.49
CA ASP A 192 -17.82 8.87 -12.58
C ASP A 192 -17.48 7.50 -12.01
N ASN A 193 -17.25 6.50 -12.90
CA ASN A 193 -16.98 5.15 -12.40
C ASN A 193 -15.64 4.55 -12.82
N PRO A 194 -14.52 5.30 -12.74
CA PRO A 194 -13.23 4.70 -13.11
C PRO A 194 -12.82 3.64 -12.10
N PRO A 195 -11.97 2.69 -12.49
CA PRO A 195 -11.43 1.74 -11.52
C PRO A 195 -10.81 2.46 -10.35
N VAL A 196 -11.03 1.92 -9.15
CA VAL A 196 -10.36 2.39 -7.94
C VAL A 196 -9.15 1.51 -7.72
N SER A 197 -7.96 2.13 -7.70
CA SER A 197 -6.70 1.41 -7.70
C SER A 197 -6.02 1.37 -6.35
N PHE A 198 -6.50 2.12 -5.37
CA PHE A 198 -5.87 2.14 -4.05
C PHE A 198 -6.83 2.81 -3.09
N VAL A 199 -6.80 2.37 -1.84
CA VAL A 199 -7.55 3.01 -0.76
C VAL A 199 -6.85 2.75 0.56
N LYS A 200 -6.94 3.70 1.47
CA LYS A 200 -6.47 3.50 2.85
C LYS A 200 -7.15 4.52 3.77
N PHE A 201 -7.31 4.14 5.03
CA PHE A 201 -7.79 5.09 6.03
C PHE A 201 -6.67 6.05 6.41
N SER A 202 -7.07 7.27 6.81
CA SER A 202 -6.12 8.27 7.29
C SER A 202 -5.57 7.86 8.65
N PRO A 203 -4.43 8.45 9.06
CA PRO A 203 -3.85 8.09 10.36
C PRO A 203 -4.82 8.18 11.52
N ASN A 204 -5.68 9.20 11.54
CA ASN A 204 -6.64 9.33 12.62
C ASN A 204 -7.90 8.51 12.41
N GLY A 205 -8.04 7.83 11.27
CA GLY A 205 -9.17 6.97 11.04
C GLY A 205 -10.43 7.63 10.54
N LYS A 206 -10.47 8.96 10.42
CA LYS A 206 -11.71 9.62 10.03
C LYS A 206 -11.93 9.65 8.52
N TYR A 207 -10.86 9.58 7.75
CA TYR A 207 -10.96 9.77 6.32
C TYR A 207 -10.47 8.52 5.61
N ILE A 208 -10.80 8.46 4.33
CA ILE A 208 -10.24 7.47 3.42
C ILE A 208 -9.62 8.21 2.25
N LEU A 209 -8.41 7.82 1.86
CA LEU A 209 -7.75 8.35 0.68
C LEU A 209 -7.85 7.30 -0.42
N ALA A 210 -8.41 7.67 -1.57
CA ALA A 210 -8.64 6.71 -2.64
C ALA A 210 -8.05 7.24 -3.94
N ALA A 211 -7.40 6.36 -4.69
CA ALA A 211 -6.88 6.67 -6.01
C ALA A 211 -7.76 6.02 -7.05
N THR A 212 -8.03 6.75 -8.12
CA THR A 212 -8.76 6.26 -9.27
C THR A 212 -7.93 6.41 -10.55
N LEU A 213 -8.18 5.51 -11.50
CA LEU A 213 -7.40 5.49 -12.74
C LEU A 213 -7.86 6.53 -13.76
N ASP A 214 -8.21 7.72 -13.25
CA ASP A 214 -8.47 8.91 -14.04
C ASP A 214 -7.61 10.05 -13.49
N ASN A 215 -6.41 9.73 -13.03
CA ASN A 215 -5.44 10.76 -12.64
C ASN A 215 -5.88 11.56 -11.41
N THR A 216 -6.55 10.90 -10.45
CA THR A 216 -7.15 11.60 -9.33
C THR A 216 -6.98 10.84 -8.02
N LEU A 217 -6.62 11.57 -6.97
CA LEU A 217 -6.71 11.11 -5.59
C LEU A 217 -7.83 11.88 -4.91
N LYS A 218 -8.58 11.20 -4.05
CA LYS A 218 -9.69 11.82 -3.35
C LYS A 218 -9.64 11.47 -1.88
N LEU A 219 -9.94 12.46 -1.04
CA LEU A 219 -10.05 12.29 0.40
C LEU A 219 -11.53 12.33 0.77
N TRP A 220 -12.03 11.25 1.33
CA TRP A 220 -13.43 11.11 1.69
C TRP A 220 -13.60 11.15 3.21
N ASP A 221 -14.64 11.83 3.66
CA ASP A 221 -15.17 11.60 4.99
C ASP A 221 -16.10 10.41 4.86
N TYR A 222 -15.67 9.23 5.29
CA TYR A 222 -16.50 8.07 5.01
C TYR A 222 -17.75 8.04 5.88
N SER A 223 -17.69 8.57 7.11
CA SER A 223 -18.89 8.71 7.93
C SER A 223 -19.96 9.54 7.22
N LYS A 224 -19.58 10.69 6.66
CA LYS A 224 -20.59 11.46 5.96
C LYS A 224 -20.81 11.00 4.52
N GLY A 225 -19.95 10.13 3.99
CA GLY A 225 -20.00 9.73 2.60
C GLY A 225 -19.70 10.85 1.64
N LYS A 226 -18.80 11.75 2.00
CA LYS A 226 -18.56 12.96 1.20
C LYS A 226 -17.11 13.07 0.80
N CYS A 227 -16.86 13.43 -0.45
CA CYS A 227 -15.51 13.72 -0.91
C CYS A 227 -15.16 15.14 -0.53
N LEU A 228 -14.11 15.31 0.28
CA LEU A 228 -13.73 16.60 0.83
C LEU A 228 -12.61 17.28 0.08
N LYS A 229 -11.69 16.53 -0.50
CA LYS A 229 -10.52 17.07 -1.18
C LYS A 229 -10.20 16.18 -2.37
N THR A 230 -9.69 16.79 -3.45
CA THR A 230 -9.09 16.03 -4.54
C THR A 230 -7.69 16.56 -4.80
N TYR A 231 -6.81 15.64 -5.20
CA TYR A 231 -5.42 15.93 -5.54
C TYR A 231 -5.19 15.48 -6.97
N THR A 232 -4.76 16.42 -7.80
CA THR A 232 -4.57 16.15 -9.22
C THR A 232 -3.27 16.78 -9.68
N GLY A 233 -2.87 16.46 -10.91
CA GLY A 233 -1.62 16.94 -11.49
C GLY A 233 -0.67 15.83 -11.86
N HIS A 234 -0.84 14.64 -11.30
CA HIS A 234 -0.03 13.48 -11.62
C HIS A 234 -0.68 12.69 -12.75
N LYS A 235 -0.04 11.58 -13.14
CA LYS A 235 -0.54 10.73 -14.21
C LYS A 235 -0.79 9.35 -13.62
N ASN A 236 -2.04 8.89 -13.68
CA ASN A 236 -2.36 7.56 -13.15
C ASN A 236 -3.61 7.07 -13.89
N GLU A 237 -3.39 6.37 -14.99
CA GLU A 237 -4.45 5.82 -15.81
C GLU A 237 -4.35 4.31 -15.98
N LYS A 238 -3.30 3.67 -15.45
CA LYS A 238 -3.07 2.26 -15.78
C LYS A 238 -2.69 1.38 -14.59
N TYR A 239 -1.84 1.86 -13.69
CA TYR A 239 -1.26 1.02 -12.66
C TYR A 239 -1.82 1.32 -11.29
N CYS A 240 -1.77 0.32 -10.42
CA CYS A 240 -2.20 0.48 -9.03
CA CYS A 240 -2.18 0.44 -9.03
C CYS A 240 -1.05 1.10 -8.26
N ILE A 241 -1.11 2.43 -8.13
CA ILE A 241 -0.09 3.23 -7.48
C ILE A 241 -0.56 3.59 -6.07
N PHE A 242 0.28 3.29 -5.08
CA PHE A 242 -0.01 3.62 -3.69
C PHE A 242 -0.01 5.13 -3.48
N ALA A 243 -0.71 5.58 -2.45
CA ALA A 243 -0.58 6.96 -2.00
C ALA A 243 -0.48 6.96 -0.49
N ASN A 244 0.06 8.05 0.06
CA ASN A 244 0.40 8.09 1.48
C ASN A 244 0.03 9.43 2.07
N PHE A 245 -0.18 9.40 3.38
CA PHE A 245 -0.18 10.58 4.22
C PHE A 245 1.20 10.75 4.83
N SER A 246 1.79 11.93 4.68
CA SER A 246 3.07 12.22 5.31
C SER A 246 2.78 13.05 6.56
N VAL A 247 3.18 12.51 7.72
CA VAL A 247 2.72 12.96 9.04
C VAL A 247 3.82 13.59 9.88
N THR A 248 5.08 13.44 9.50
CA THR A 248 6.21 13.72 10.39
C THR A 248 6.61 15.19 10.40
N GLY A 249 6.40 15.90 9.31
CA GLY A 249 6.68 17.32 9.22
C GLY A 249 5.42 18.05 8.78
N GLY A 250 5.47 18.78 7.68
CA GLY A 250 4.24 19.30 7.11
C GLY A 250 3.29 18.19 6.72
N LYS A 251 2.01 18.56 6.56
CA LYS A 251 0.98 17.57 6.29
C LYS A 251 0.83 17.45 4.78
N TRP A 252 1.36 16.37 4.21
CA TRP A 252 1.38 16.19 2.76
C TRP A 252 0.65 14.92 2.35
N ILE A 253 0.24 14.90 1.08
CA ILE A 253 -0.15 13.67 0.39
C ILE A 253 1.00 13.35 -0.56
N VAL A 254 1.39 12.08 -0.64
CA VAL A 254 2.51 11.64 -1.48
C VAL A 254 2.01 10.51 -2.38
N SER A 255 2.41 10.54 -3.65
CA SER A 255 2.04 9.45 -4.55
C SER A 255 3.06 9.33 -5.66
N GLY A 256 3.19 8.13 -6.20
CA GLY A 256 3.88 7.94 -7.45
C GLY A 256 3.04 8.39 -8.64
N SER A 257 3.60 8.21 -9.82
CA SER A 257 3.00 8.73 -11.04
C SER A 257 3.56 8.01 -12.26
N GLU A 258 2.76 7.96 -13.32
CA GLU A 258 3.15 7.29 -14.56
C GLU A 258 4.02 8.17 -15.44
N ASP A 259 4.31 9.40 -15.02
CA ASP A 259 5.33 10.21 -15.68
C ASP A 259 6.67 10.11 -14.97
N ASN A 260 6.85 9.10 -14.11
CA ASN A 260 8.14 8.75 -13.49
C ASN A 260 8.52 9.66 -12.33
N LEU A 261 7.61 10.47 -11.81
CA LEU A 261 7.89 11.40 -10.71
C LEU A 261 7.15 10.97 -9.45
N VAL A 262 7.68 11.39 -8.30
CA VAL A 262 6.93 11.39 -7.04
C VAL A 262 6.27 12.76 -6.90
N TYR A 263 4.96 12.78 -6.63
CA TYR A 263 4.23 14.02 -6.40
C TYR A 263 3.96 14.20 -4.91
N ILE A 264 4.07 15.44 -4.44
CA ILE A 264 3.76 15.80 -3.07
C ILE A 264 2.83 16.99 -3.08
N TRP A 265 1.70 16.87 -2.38
CA TRP A 265 0.70 17.92 -2.30
C TRP A 265 0.53 18.39 -0.86
N ASN A 266 0.14 19.65 -0.71
CA ASN A 266 -0.32 20.14 0.59
C ASN A 266 -1.71 19.53 0.86
N LEU A 267 -1.84 18.80 1.97
CA LEU A 267 -3.09 18.12 2.27
C LEU A 267 -4.27 19.09 2.31
N GLN A 268 -4.08 20.25 2.95
CA GLN A 268 -5.17 21.20 3.11
C GLN A 268 -5.49 21.96 1.84
N THR A 269 -4.47 22.56 1.21
CA THR A 269 -4.71 23.42 0.06
C THR A 269 -4.83 22.67 -1.25
N LYS A 270 -4.33 21.44 -1.32
CA LYS A 270 -4.36 20.58 -2.49
C LYS A 270 -3.39 21.01 -3.59
N GLU A 271 -2.54 22.00 -3.33
CA GLU A 271 -1.57 22.42 -4.33
C GLU A 271 -0.38 21.47 -4.32
N ILE A 272 0.20 21.27 -5.49
CA ILE A 272 1.47 20.54 -5.57
C ILE A 272 2.56 21.37 -4.93
N VAL A 273 3.33 20.76 -4.04
CA VAL A 273 4.42 21.45 -3.36
C VAL A 273 5.81 20.96 -3.77
N GLN A 274 5.93 19.75 -4.33
CA GLN A 274 7.20 19.25 -4.82
C GLN A 274 6.96 18.07 -5.74
N LYS A 275 7.83 17.92 -6.73
CA LYS A 275 7.89 16.74 -7.58
C LYS A 275 9.33 16.22 -7.54
N LEU A 276 9.48 14.91 -7.34
CA LEU A 276 10.80 14.30 -7.21
C LEU A 276 11.15 13.54 -8.49
N GLN A 277 12.24 13.95 -9.14
CA GLN A 277 12.67 13.39 -10.41
C GLN A 277 13.90 12.50 -10.19
N GLY A 278 13.94 11.38 -10.91
CA GLY A 278 15.09 10.50 -10.87
C GLY A 278 14.82 9.09 -11.39
N HIS A 279 13.62 8.58 -11.14
CA HIS A 279 13.27 7.26 -11.65
C HIS A 279 13.16 7.28 -13.18
N THR A 280 13.40 6.12 -13.80
CA THR A 280 13.38 5.97 -15.25
C THR A 280 12.17 5.20 -15.74
N ASP A 281 11.25 4.87 -14.85
CA ASP A 281 10.00 4.19 -15.19
C ASP A 281 8.95 4.65 -14.18
N VAL A 282 7.72 4.17 -14.40
CA VAL A 282 6.58 4.49 -13.53
C VAL A 282 6.94 4.31 -12.07
N VAL A 283 6.62 5.29 -11.24
CA VAL A 283 6.78 5.15 -9.79
C VAL A 283 5.51 4.50 -9.26
N ILE A 284 5.59 3.21 -8.95
CA ILE A 284 4.44 2.40 -8.59
C ILE A 284 4.12 2.46 -7.10
N SER A 285 5.11 2.76 -6.26
CA SER A 285 4.88 2.71 -4.84
C SER A 285 5.71 3.76 -4.14
N THR A 286 5.13 4.36 -3.11
CA THR A 286 5.80 5.27 -2.20
C THR A 286 5.43 4.89 -0.79
N ALA A 287 6.31 5.23 0.15
CA ALA A 287 6.05 5.05 1.56
C ALA A 287 6.67 6.21 2.32
N CYS A 288 6.11 6.54 3.47
CA CYS A 288 6.58 7.64 4.31
C CYS A 288 7.02 7.07 5.65
N HIS A 289 8.20 7.51 6.11
CA HIS A 289 8.79 6.96 7.32
C HIS A 289 7.98 7.41 8.54
N PRO A 290 7.87 6.57 9.57
CA PRO A 290 6.96 6.91 10.69
C PRO A 290 7.44 8.02 11.59
N THR A 291 8.73 8.36 11.64
CA THR A 291 9.20 9.42 12.52
C THR A 291 10.08 10.47 11.86
N GLU A 292 10.77 10.14 10.78
CA GLU A 292 11.64 11.07 10.10
C GLU A 292 11.00 11.47 8.77
N ASN A 293 11.40 12.64 8.26
CA ASN A 293 10.89 13.09 6.95
C ASN A 293 11.65 12.35 5.84
N ILE A 294 11.26 11.10 5.63
CA ILE A 294 11.91 10.25 4.64
C ILE A 294 10.82 9.62 3.78
N ILE A 295 10.99 9.68 2.46
CA ILE A 295 10.10 9.00 1.51
C ILE A 295 10.91 7.91 0.81
N ALA A 296 10.31 6.74 0.66
CA ALA A 296 10.83 5.70 -0.22
C ALA A 296 9.94 5.65 -1.45
N SER A 297 10.55 5.50 -2.62
CA SER A 297 9.81 5.37 -3.86
C SER A 297 10.38 4.19 -4.62
N ALA A 298 9.55 3.55 -5.42
CA ALA A 298 9.98 2.37 -6.17
C ALA A 298 9.34 2.37 -7.54
N ALA A 299 10.01 1.75 -8.50
CA ALA A 299 9.62 1.88 -9.90
C ALA A 299 9.51 0.52 -10.61
N LEU A 300 8.91 0.58 -11.79
CA LEU A 300 8.59 -0.60 -12.60
C LEU A 300 9.83 -1.11 -13.35
N GLU A 301 9.61 -2.01 -14.32
CA GLU A 301 10.60 -2.97 -14.80
C GLU A 301 11.75 -2.31 -15.52
N ASN A 302 11.55 -1.12 -16.11
CA ASN A 302 12.65 -0.49 -16.83
C ASN A 302 13.61 0.22 -15.89
N ASP A 303 13.28 0.31 -14.61
CA ASP A 303 14.07 1.00 -13.59
C ASP A 303 14.57 0.04 -12.52
N LYS A 304 13.65 -0.64 -11.82
CA LYS A 304 13.92 -1.71 -10.85
C LYS A 304 14.53 -1.22 -9.54
N THR A 305 14.59 0.10 -9.31
CA THR A 305 15.22 0.59 -8.09
C THR A 305 14.22 1.21 -7.12
N ILE A 306 14.69 1.34 -5.89
CA ILE A 306 14.03 2.04 -4.80
C ILE A 306 14.89 3.26 -4.47
N LYS A 307 14.27 4.39 -4.20
CA LYS A 307 15.02 5.58 -3.84
C LYS A 307 14.55 6.09 -2.49
N LEU A 308 15.48 6.58 -1.69
CA LEU A 308 15.20 7.17 -0.39
C LEU A 308 15.49 8.66 -0.48
N TRP A 309 14.51 9.49 -0.12
CA TRP A 309 14.59 10.94 -0.18
C TRP A 309 14.36 11.49 1.21
N LYS A 310 15.09 12.54 1.58
CA LYS A 310 14.95 13.14 2.90
C LYS A 310 14.73 14.64 2.81
N SER A 311 13.91 15.17 3.74
CA SER A 311 13.57 16.58 3.78
C SER A 311 13.79 17.14 5.18
N ASP A 312 13.89 18.46 5.27
CA ASP A 312 13.96 19.14 6.56
C ASP A 312 12.59 19.40 7.16
N CYS A 313 11.52 19.28 6.38
CA CYS A 313 10.16 19.49 6.87
C CYS A 313 9.15 18.70 6.05
#